data_4DK9
#
_entry.id   4DK9
#
_cell.length_a   40.999
_cell.length_b   55.161
_cell.length_c   122.193
_cell.angle_alpha   90.000
_cell.angle_beta   90.000
_cell.angle_gamma   90.000
#
_symmetry.space_group_name_H-M   'P 21 21 21'
#
loop_
_entity.id
_entity.type
_entity.pdbx_description
1 polymer "5'-D(*AP*AP*GP*AP*CP*GP*TP*GP*GP*AP*C)-3'"
2 polymer "5'-D(*TP*GP*TP*CP*CP*AP*(3DR)P*GP*TP*CP*T)-3'"
3 polymer 'Methyl-CpG-binding domain protein 4'
4 non-polymer 'POTASSIUM ION'
5 water water
#
loop_
_entity_poly.entity_id
_entity_poly.type
_entity_poly.pdbx_seq_one_letter_code
_entity_poly.pdbx_strand_id
1 'polydeoxyribonucleotide' (DA)(DA)(DG)(DA)(DC)(DG)(DT)(DG)(DG)(DA)(DC) B
2 'polydeoxyribonucleotide' (DT)(DG)(DT)(DC)(DC)(DA)(3DR)(DG)(DT)(DC)(DT) C
3 'polypeptide(L)'
;GSALSPPRRKAFKKWTPPRSPFNLVQETLFHDPWKLLIATIFLNRTSGKMAIPVLWKFLEKYPSAEVARTADWRDVSELL
KPLGLYDLRAKTIVKFSDEYLTKQWKYPIELHGIGKYGNDSYRIFCVNEWKQVHPEDHKLNKYHDWLWENHEKLSLS
;
A
#
loop_
_chem_comp.id
_chem_comp.type
_chem_comp.name
_chem_comp.formula
3DR DNA linking 1',2'-DIDEOXYRIBOFURANOSE-5'-PHOSPHATE 'C5 H11 O6 P'
DA DNA linking 2'-DEOXYADENOSINE-5'-MONOPHOSPHATE 'C10 H14 N5 O6 P'
DC DNA linking 2'-DEOXYCYTIDINE-5'-MONOPHOSPHATE 'C9 H14 N3 O7 P'
DG DNA linking 2'-DEOXYGUANOSINE-5'-MONOPHOSPHATE 'C10 H14 N5 O7 P'
DT DNA linking THYMIDINE-5'-MONOPHOSPHATE 'C10 H15 N2 O8 P'
K non-polymer 'POTASSIUM ION' 'K 1'
#
# COMPACT_ATOMS: atom_id res chain seq x y z
O5' 3DR B 7 10.83 -5.47 2.38
P 3DR B 7 12.13 -6.32 2.04
OP1 3DR B 7 12.58 -6.08 0.63
OP2 3DR B 7 13.02 -6.05 3.21
C2' 3DR B 7 7.18 -3.37 4.14
C5' 3DR B 7 9.77 -5.85 3.22
C4' 3DR B 7 9.25 -4.51 3.73
O4' 3DR B 7 9.08 -3.52 2.71
C1' 3DR B 7 8.01 -2.66 3.09
C3' 3DR B 7 7.96 -4.63 4.50
O3' 3DR B 7 8.35 -4.55 5.85
N TRP C 15 -1.79 18.57 -3.96
CA TRP C 15 -0.47 18.04 -3.65
C TRP C 15 -0.22 16.74 -4.37
N THR C 16 1.00 16.55 -4.83
CA THR C 16 1.36 15.36 -5.53
C THR C 16 2.85 15.06 -5.16
N PRO C 17 3.15 13.91 -4.50
CA PRO C 17 4.48 13.63 -3.91
C PRO C 17 5.60 13.49 -4.94
N PRO C 18 6.81 13.97 -4.61
CA PRO C 18 7.78 13.98 -5.72
C PRO C 18 8.30 12.59 -6.04
N ARG C 19 8.80 12.42 -7.25
CA ARG C 19 9.44 11.18 -7.65
C ARG C 19 10.83 11.24 -7.06
N SER C 20 11.32 10.13 -6.51
CA SER C 20 12.63 10.09 -5.82
C SER C 20 13.58 9.14 -6.52
N PRO C 21 14.87 9.17 -6.12
CA PRO C 21 15.89 8.33 -6.76
C PRO C 21 15.88 6.88 -6.24
N PHE C 22 14.88 6.54 -5.43
CA PHE C 22 14.75 5.24 -4.79
C PHE C 22 13.59 4.45 -5.38
N ASN C 23 12.79 5.10 -6.22
CA ASN C 23 11.70 4.42 -6.95
C ASN C 23 10.79 3.44 -6.20
N LEU C 24 10.37 3.79 -5.00
CA LEU C 24 9.31 3.08 -4.28
C LEU C 24 8.03 2.93 -5.09
N VAL C 25 7.37 1.80 -4.90
CA VAL C 25 6.13 1.48 -5.56
C VAL C 25 5.15 2.57 -5.21
N GLN C 26 5.22 3.08 -3.98
CA GLN C 26 4.26 4.13 -3.60
C GLN C 26 4.22 5.33 -4.49
N GLU C 27 5.31 5.59 -5.22
CA GLU C 27 5.49 6.82 -5.97
C GLU C 27 4.63 6.80 -7.25
N THR C 28 4.26 5.60 -7.72
CA THR C 28 3.32 5.49 -8.88
C THR C 28 1.89 5.40 -8.40
N LEU C 29 1.68 4.74 -7.27
CA LEU C 29 0.34 4.36 -6.90
C LEU C 29 -0.33 5.40 -6.06
N PHE C 30 0.41 6.45 -5.68
CA PHE C 30 -0.12 7.50 -4.80
C PHE C 30 -1.53 8.02 -5.21
N HIS C 31 -1.82 8.09 -6.48
CA HIS C 31 -3.03 8.72 -6.92
C HIS C 31 -4.26 7.96 -6.57
N ASP C 32 -4.10 6.71 -6.22
CA ASP C 32 -5.19 5.79 -5.85
C ASP C 32 -4.92 5.12 -4.47
N PRO C 33 -5.39 5.77 -3.38
CA PRO C 33 -4.94 5.37 -2.05
C PRO C 33 -5.19 3.89 -1.79
N TRP C 34 -6.28 3.36 -2.36
CA TRP C 34 -6.52 1.90 -2.33
C TRP C 34 -5.40 1.02 -2.84
N LYS C 35 -4.98 1.24 -4.10
CA LYS C 35 -3.90 0.44 -4.67
C LYS C 35 -2.68 0.58 -3.80
N LEU C 36 -2.41 1.80 -3.33
CA LEU C 36 -1.21 2.04 -2.56
C LEU C 36 -1.27 1.20 -1.27
N LEU C 37 -2.44 1.16 -0.63
CA LEU C 37 -2.54 0.29 0.55
C LEU C 37 -2.42 -1.20 0.22
N ILE C 38 -2.92 -1.62 -0.93
CA ILE C 38 -2.70 -3.01 -1.35
C ILE C 38 -1.21 -3.33 -1.49
N ALA C 39 -0.47 -2.49 -2.24
CA ALA C 39 0.97 -2.68 -2.39
C ALA C 39 1.60 -2.80 -1.02
N THR C 40 1.26 -1.91 -0.07
CA THR C 40 1.91 -2.03 1.24
C THR C 40 1.66 -3.42 1.81
N ILE C 41 0.44 -3.95 1.65
CA ILE C 41 0.09 -5.26 2.25
C ILE C 41 0.82 -6.38 1.56
N PHE C 42 0.93 -6.28 0.22
CA PHE C 42 1.74 -7.22 -0.54
C PHE C 42 3.14 -7.24 -0.01
N LEU C 43 3.56 -6.10 0.51
CA LEU C 43 4.91 -6.03 1.05
C LEU C 43 5.06 -6.56 2.47
N ASN C 44 3.98 -6.92 3.15
CA ASN C 44 4.12 -7.34 4.55
C ASN C 44 4.96 -8.60 4.74
N ARG C 45 6.21 -8.45 5.19
CA ARG C 45 7.00 -9.62 5.47
C ARG C 45 7.24 -10.37 4.15
N THR C 46 7.24 -9.68 3.02
CA THR C 46 7.66 -10.32 1.74
C THR C 46 8.60 -9.45 0.85
N SER C 47 9.67 -10.04 0.33
CA SER C 47 10.62 -9.29 -0.50
C SER C 47 9.86 -8.57 -1.62
N GLY C 48 10.26 -7.34 -1.91
CA GLY C 48 9.89 -6.69 -3.18
C GLY C 48 10.21 -7.58 -4.38
N LYS C 49 11.41 -8.13 -4.46
CA LYS C 49 11.78 -9.02 -5.55
C LYS C 49 10.69 -10.02 -5.96
N MET C 50 9.85 -10.43 -5.02
CA MET C 50 8.80 -11.44 -5.29
C MET C 50 7.38 -10.87 -5.42
N ALA C 51 7.03 -9.99 -4.46
CA ALA C 51 5.73 -9.37 -4.34
C ALA C 51 5.41 -8.51 -5.52
N ILE C 52 6.40 -7.75 -6.03
CA ILE C 52 6.04 -6.68 -6.99
C ILE C 52 5.41 -7.21 -8.29
N PRO C 53 6.02 -8.22 -8.94
CA PRO C 53 5.31 -8.81 -10.08
C PRO C 53 3.90 -9.31 -9.75
N VAL C 54 3.73 -9.97 -8.60
CA VAL C 54 2.41 -10.52 -8.30
C VAL C 54 1.48 -9.33 -8.09
N LEU C 55 1.95 -8.27 -7.46
CA LEU C 55 1.13 -7.10 -7.21
C LEU C 55 0.49 -6.63 -8.52
N TRP C 56 1.31 -6.51 -9.57
CA TRP C 56 0.84 -5.93 -10.84
C TRP C 56 -0.22 -6.74 -11.49
N LYS C 57 -0.04 -8.05 -11.45
CA LYS C 57 -1.05 -8.98 -11.94
C LYS C 57 -2.29 -8.94 -11.07
N PHE C 58 -2.12 -8.60 -9.80
CA PHE C 58 -3.27 -8.51 -8.90
C PHE C 58 -4.09 -7.28 -9.29
N LEU C 59 -3.42 -6.16 -9.50
CA LEU C 59 -4.18 -4.97 -9.95
C LEU C 59 -4.77 -5.14 -11.35
N GLU C 60 -4.21 -6.03 -12.20
CA GLU C 60 -4.93 -6.42 -13.41
C GLU C 60 -6.25 -7.08 -13.05
N LYS C 61 -6.22 -8.21 -12.32
CA LYS C 61 -7.46 -8.96 -12.03
C LYS C 61 -8.41 -8.18 -11.11
N TYR C 62 -7.85 -7.41 -10.19
CA TYR C 62 -8.68 -6.64 -9.24
C TYR C 62 -8.40 -5.13 -9.29
N PRO C 63 -8.82 -4.45 -10.38
CA PRO C 63 -8.36 -3.06 -10.57
C PRO C 63 -8.96 -2.04 -9.60
N SER C 64 -9.72 -2.49 -8.62
CA SER C 64 -10.37 -1.56 -7.70
C SER C 64 -10.86 -2.19 -6.41
N ALA C 65 -11.40 -1.36 -5.54
CA ALA C 65 -11.93 -1.81 -4.25
C ALA C 65 -13.32 -2.42 -4.42
N GLU C 66 -14.13 -1.81 -5.27
CA GLU C 66 -15.50 -2.32 -5.50
C GLU C 66 -15.47 -3.75 -6.04
N VAL C 67 -14.50 -4.02 -6.91
CA VAL C 67 -14.27 -5.35 -7.46
C VAL C 67 -13.75 -6.28 -6.37
N ALA C 68 -12.72 -5.85 -5.67
CA ALA C 68 -12.05 -6.68 -4.68
C ALA C 68 -12.87 -7.16 -3.45
N ARG C 69 -13.69 -6.30 -2.84
CA ARG C 69 -14.53 -6.74 -1.69
C ARG C 69 -15.43 -7.91 -2.05
N THR C 70 -15.53 -8.10 -3.36
CA THR C 70 -16.38 -9.10 -3.97
C THR C 70 -15.69 -10.47 -4.04
N ALA C 71 -14.43 -10.43 -4.45
CA ALA C 71 -13.70 -11.62 -4.89
C ALA C 71 -13.65 -12.76 -3.88
N ASP C 72 -13.55 -13.98 -4.41
CA ASP C 72 -13.37 -15.14 -3.58
C ASP C 72 -11.95 -15.04 -3.04
N TRP C 73 -11.78 -15.25 -1.75
CA TRP C 73 -10.45 -15.26 -1.15
C TRP C 73 -9.65 -16.46 -1.64
N ARG C 74 -10.36 -17.55 -1.96
CA ARG C 74 -9.74 -18.75 -2.54
C ARG C 74 -8.93 -18.33 -3.79
N ASP C 75 -9.45 -17.37 -4.54
CA ASP C 75 -8.82 -16.90 -5.77
C ASP C 75 -7.61 -16.04 -5.48
N VAL C 76 -7.80 -15.07 -4.59
CA VAL C 76 -6.72 -14.19 -4.18
C VAL C 76 -5.58 -15.06 -3.66
N SER C 77 -5.94 -16.11 -2.91
CA SER C 77 -4.95 -17.04 -2.39
C SER C 77 -4.09 -17.75 -3.45
N GLU C 78 -4.73 -18.27 -4.49
CA GLU C 78 -4.01 -18.93 -5.58
C GLU C 78 -2.89 -18.02 -6.04
N LEU C 79 -3.23 -16.77 -6.33
CA LEU C 79 -2.22 -15.75 -6.68
C LEU C 79 -1.12 -15.55 -5.65
N LEU C 80 -1.49 -15.62 -4.36
CA LEU C 80 -0.59 -15.23 -3.27
C LEU C 80 0.39 -16.30 -2.82
N LYS C 81 -0.04 -17.57 -2.70
CA LYS C 81 0.96 -18.64 -2.69
C LYS C 81 1.47 -18.38 -4.10
N PRO C 82 2.78 -18.32 -4.34
CA PRO C 82 4.06 -18.59 -3.69
C PRO C 82 4.75 -17.49 -2.90
N LEU C 83 3.99 -16.50 -2.45
CA LEU C 83 4.56 -15.39 -1.69
C LEU C 83 4.35 -15.62 -0.21
N GLY C 84 3.99 -16.86 0.16
CA GLY C 84 3.76 -17.15 1.58
C GLY C 84 2.67 -16.23 2.14
N LEU C 85 2.37 -16.34 3.41
CA LEU C 85 1.37 -15.48 3.99
C LEU C 85 0.16 -15.35 3.16
N TYR C 86 -0.17 -16.37 2.43
CA TYR C 86 -1.25 -16.27 1.47
C TYR C 86 -2.70 -16.44 1.90
N ASP C 87 -2.93 -17.22 2.96
CA ASP C 87 -4.33 -17.49 3.36
C ASP C 87 -4.83 -16.27 4.10
N LEU C 88 -4.24 -16.02 5.28
CA LEU C 88 -4.64 -14.87 6.07
C LEU C 88 -4.65 -13.62 5.22
N ARG C 89 -3.54 -13.32 4.58
CA ARG C 89 -3.52 -12.18 3.64
C ARG C 89 -4.68 -12.13 2.63
N ALA C 90 -4.96 -13.21 1.90
CA ALA C 90 -6.04 -13.17 0.93
C ALA C 90 -7.35 -12.77 1.62
N LYS C 91 -7.62 -13.39 2.75
CA LYS C 91 -8.80 -13.01 3.54
C LYS C 91 -8.77 -11.51 3.92
N THR C 92 -7.61 -11.01 4.36
CA THR C 92 -7.46 -9.61 4.70
C THR C 92 -7.76 -8.70 3.49
N ILE C 93 -7.11 -9.02 2.38
CA ILE C 93 -7.23 -8.22 1.22
C ILE C 93 -8.70 -7.99 0.90
N VAL C 94 -9.50 -9.05 0.92
CA VAL C 94 -10.92 -8.88 0.64
C VAL C 94 -11.57 -8.01 1.70
N LYS C 95 -11.25 -8.25 2.97
CA LYS C 95 -11.90 -7.48 4.04
C LYS C 95 -11.52 -6.01 4.02
N PHE C 96 -10.22 -5.77 3.84
CA PHE C 96 -9.67 -4.43 3.79
C PHE C 96 -10.42 -3.59 2.78
N SER C 97 -10.61 -4.17 1.60
CA SER C 97 -11.38 -3.57 0.51
C SER C 97 -12.85 -3.27 0.82
N ASP C 98 -13.53 -4.19 1.50
CA ASP C 98 -14.87 -3.93 2.00
C ASP C 98 -14.86 -2.67 2.88
N GLU C 99 -14.13 -2.71 3.99
CA GLU C 99 -14.03 -1.58 4.91
C GLU C 99 -13.55 -0.33 4.20
N TYR C 100 -12.53 -0.45 3.37
CA TYR C 100 -12.05 0.71 2.60
C TYR C 100 -13.20 1.47 2.02
N LEU C 101 -14.16 0.74 1.44
CA LEU C 101 -15.29 1.37 0.74
C LEU C 101 -16.56 1.61 1.57
N THR C 102 -16.80 0.78 2.59
CA THR C 102 -18.09 0.78 3.29
C THR C 102 -17.99 1.35 4.69
N LYS C 103 -16.76 1.44 5.19
CA LYS C 103 -16.48 2.08 6.46
C LYS C 103 -15.92 3.49 6.29
N GLN C 104 -16.44 4.42 7.07
CA GLN C 104 -15.93 5.78 7.08
C GLN C 104 -14.60 5.85 7.83
N TRP C 105 -13.62 6.54 7.24
CA TRP C 105 -12.29 6.65 7.83
C TRP C 105 -11.57 7.88 7.39
N LYS C 106 -10.82 8.49 8.29
CA LYS C 106 -9.94 9.56 7.96
C LYS C 106 -8.58 8.99 7.62
N TYR C 107 -8.17 7.98 8.36
CA TYR C 107 -6.91 7.28 8.08
C TYR C 107 -7.04 5.76 7.99
N PRO C 108 -6.35 5.15 7.02
CA PRO C 108 -6.43 3.75 6.78
C PRO C 108 -5.93 2.89 7.94
N ILE C 109 -5.15 3.47 8.87
CA ILE C 109 -4.87 2.79 10.15
C ILE C 109 -6.15 2.22 10.71
N GLU C 110 -7.26 2.96 10.57
CA GLU C 110 -8.57 2.52 11.07
C GLU C 110 -9.07 1.23 10.44
N LEU C 111 -8.52 0.83 9.29
CA LEU C 111 -8.99 -0.31 8.49
C LEU C 111 -8.29 -1.64 8.77
N HIS C 112 -8.92 -2.75 8.39
CA HIS C 112 -8.36 -4.07 8.69
C HIS C 112 -7.14 -4.38 7.89
N GLY C 113 -6.10 -4.82 8.59
CA GLY C 113 -4.84 -5.20 7.96
C GLY C 113 -3.95 -4.05 7.49
N ILE C 114 -4.13 -2.85 8.07
CA ILE C 114 -3.25 -1.68 7.82
C ILE C 114 -2.79 -1.20 9.18
N GLY C 115 -1.48 -1.05 9.34
CA GLY C 115 -0.83 -0.72 10.61
C GLY C 115 0.00 0.51 10.38
N LYS C 116 1.07 0.67 11.15
CA LYS C 116 1.86 1.89 11.05
C LYS C 116 2.44 2.03 9.65
N TYR C 117 2.88 0.91 9.07
CA TYR C 117 3.51 0.98 7.76
C TYR C 117 2.60 1.49 6.64
N GLY C 118 1.48 0.83 6.43
CA GLY C 118 0.51 1.31 5.44
C GLY C 118 0.07 2.73 5.73
N ASN C 119 -0.15 3.06 7.00
CA ASN C 119 -0.64 4.38 7.36
C ASN C 119 0.43 5.46 7.09
N ASP C 120 1.67 5.16 7.43
CA ASP C 120 2.75 6.08 7.11
C ASP C 120 2.78 6.35 5.60
N SER C 121 2.64 5.30 4.78
CA SER C 121 2.76 5.50 3.36
C SER C 121 1.63 6.41 2.91
N TYR C 122 0.41 6.06 3.34
CA TYR C 122 -0.75 6.88 3.09
C TYR C 122 -0.39 8.32 3.37
N ARG C 123 0.13 8.57 4.57
CA ARG C 123 0.26 9.97 5.02
C ARG C 123 1.43 10.73 4.42
N ILE C 124 2.34 10.01 3.78
CA ILE C 124 3.42 10.65 3.04
C ILE C 124 3.01 10.84 1.59
N PHE C 125 2.25 9.89 1.03
CA PHE C 125 1.96 9.87 -0.41
C PHE C 125 0.60 10.29 -0.90
N CYS C 126 -0.44 9.94 -0.17
CA CYS C 126 -1.83 10.18 -0.60
C CYS C 126 -2.39 11.48 -0.08
N VAL C 127 -1.68 12.07 0.87
CA VAL C 127 -2.10 13.25 1.62
C VAL C 127 -0.84 14.05 1.99
N ASN C 128 -0.96 15.37 2.05
CA ASN C 128 0.21 16.19 2.30
C ASN C 128 0.57 16.22 3.78
N GLU C 129 1.11 15.12 4.31
CA GLU C 129 1.40 15.11 5.72
C GLU C 129 2.77 14.58 6.04
N TRP C 130 3.62 14.56 5.01
CA TRP C 130 4.93 13.97 5.19
C TRP C 130 5.65 14.54 6.37
N LYS C 131 5.64 15.86 6.56
CA LYS C 131 6.35 16.46 7.70
C LYS C 131 6.05 15.80 9.02
N GLN C 132 4.86 15.25 9.21
CA GLN C 132 4.46 14.69 10.48
C GLN C 132 4.62 13.20 10.61
N VAL C 133 5.01 12.55 9.56
CA VAL C 133 5.27 11.13 9.63
C VAL C 133 6.66 10.82 10.21
N HIS C 134 6.73 9.76 11.01
CA HIS C 134 7.99 9.29 11.56
C HIS C 134 8.17 7.85 11.19
N PRO C 135 8.61 7.61 9.96
CA PRO C 135 8.69 6.23 9.45
C PRO C 135 9.65 5.34 10.24
N GLU C 136 9.36 4.05 10.21
CA GLU C 136 10.29 3.03 10.66
C GLU C 136 10.43 1.93 9.64
N ASP C 137 10.14 2.20 8.37
CA ASP C 137 10.48 1.30 7.29
C ASP C 137 11.70 1.88 6.57
N HIS C 138 12.53 1.04 6.03
CA HIS C 138 13.75 1.49 5.48
C HIS C 138 13.56 2.31 4.29
N LYS C 139 13.04 1.73 3.23
CA LYS C 139 12.78 2.49 2.01
C LYS C 139 12.01 3.79 2.32
N LEU C 140 10.91 3.70 3.09
CA LEU C 140 10.20 4.93 3.55
C LEU C 140 11.12 5.95 4.21
N ASN C 141 11.97 5.48 5.13
CA ASN C 141 12.97 6.32 5.76
C ASN C 141 13.85 7.02 4.71
N LYS C 142 14.25 6.28 3.68
CA LYS C 142 15.04 6.85 2.63
C LYS C 142 14.31 7.95 1.94
N TYR C 143 13.07 7.68 1.56
CA TYR C 143 12.25 8.64 0.80
C TYR C 143 11.99 9.87 1.64
N HIS C 144 11.54 9.63 2.86
CA HIS C 144 11.30 10.69 3.83
C HIS C 144 12.53 11.52 4.04
N ASP C 145 13.62 10.89 4.48
CA ASP C 145 14.85 11.65 4.76
C ASP C 145 15.09 12.54 3.57
N TRP C 146 14.84 11.98 2.38
CA TRP C 146 15.15 12.64 1.11
C TRP C 146 14.23 13.79 0.83
N LEU C 147 12.99 13.64 1.23
CA LEU C 147 12.03 14.76 1.25
C LEU C 147 12.44 15.92 2.19
N TRP C 148 12.69 15.61 3.46
CA TRP C 148 13.19 16.62 4.37
C TRP C 148 14.31 17.41 3.79
N GLU C 149 15.27 16.70 3.21
CA GLU C 149 16.41 17.33 2.54
C GLU C 149 16.11 18.23 1.30
N ASN C 150 15.01 18.02 0.58
CA ASN C 150 14.81 18.70 -0.69
C ASN C 150 13.48 19.38 -0.97
N HIS C 151 12.57 19.42 -0.02
CA HIS C 151 11.28 20.08 -0.21
C HIS C 151 11.33 21.55 -0.56
N GLU C 152 12.30 22.29 0.00
CA GLU C 152 12.39 23.73 -0.26
C GLU C 152 12.81 23.98 -1.73
N LYS C 153 13.59 23.06 -2.30
CA LYS C 153 13.86 23.02 -3.75
C LYS C 153 12.64 22.59 -4.60
N LEU C 154 11.80 21.70 -4.04
CA LEU C 154 10.68 21.00 -4.75
C LEU C 154 11.24 19.94 -5.71
K K D . -5.75 -1.57 11.51
#